data_9KTV
#
_entry.id   9KTV
#
loop_
_entity.id
_entity.type
_entity.pdbx_description
1 polymer 'Sodium- and chloride-dependent taurine transporter'
2 non-polymer 'GAMMA-AMINO-BUTANOIC ACID'
3 non-polymer 'CHLORIDE ION'
4 non-polymer 'SODIUM ION'
5 water water
#
_entity_poly.entity_id   1
_entity_poly.type   'polypeptide(L)'
_entity_poly.pdbx_seq_one_letter_code
;MATKEKLQCLKDFHKDILKPSPGKSPGTRPEDEAEGKPPQREKWSSKIDFVLSVAGGFVGLGNVWRFPYLCYKNGGGAFL
IPYFIFLFGSGLPVFFLEIIIGQYTSEGGITCWEKICPLFSGIGYASVVIVSLLNVYYIVILAWATYYLFQSFQKELPWA
HCNHSWNTPHCMEDTMRKNKSVWITISSTNFTSPVIEFWERNVLSLSPGIDHPGSLKWDLALCLLLVWLVCFFCIWKGVR
STGKVVYFTATFPFAMLLVLLVRGLTLPGAGAGIKFYLYPDITRLEDPQVWIDAGTQIFFSYAICLGAMTSLGSYNKYKY
NSYRDCMLLGCLNSGTSFVSGFAIFSILGFMAQEQGVDIADVAESGPGLAFIAYPKAVTMMPLPTFWSILFFIMLLLLGL
DSQFVEVEGQITSLVDLYPSFLRKGYRREIFIAFVCSISYLLGLTMVTEGGMYVFQLFDYYAASGVCLLWVAFFECFVIA
WIYGGDNLYDGIEDMIGYRPGPWMKYSWAVITPVLCVGCFIFSLVKYVPLTYNKTYVYPNWAIGLGWSLALSSMLCVPLV
IVIRLCQTEGPFLVRVKYLLTPREPNRWAVEREGATPYNSRTVMNGALVKPTHIIVETMM
;
_entity_poly.pdbx_strand_id   A
#
loop_
_chem_comp.id
_chem_comp.type
_chem_comp.name
_chem_comp.formula
ABU non-polymer 'GAMMA-AMINO-BUTANOIC ACID' 'C4 H9 N O2'
CL non-polymer 'CHLORIDE ION' 'Cl -1'
NA non-polymer 'SODIUM ION' 'Na 1'
#
# COMPACT_ATOMS: atom_id res chain seq x y z
N GLN A 40 -11.72 -7.95 25.75
CA GLN A 40 -10.69 -8.97 25.90
C GLN A 40 -9.58 -8.78 24.89
N ARG A 41 -9.24 -7.54 24.61
CA ARG A 41 -8.20 -7.23 23.63
C ARG A 41 -6.83 -7.50 24.23
N GLU A 42 -6.02 -8.27 23.50
CA GLU A 42 -4.68 -8.60 23.98
C GLU A 42 -3.77 -7.39 23.89
N LYS A 43 -2.90 -7.23 24.89
CA LYS A 43 -1.95 -6.14 24.92
C LYS A 43 -0.73 -6.48 24.07
N TRP A 44 0.06 -5.45 23.75
CA TRP A 44 1.29 -5.63 23.00
C TRP A 44 2.46 -6.08 23.86
N SER A 45 2.24 -6.31 25.16
CA SER A 45 3.30 -6.69 26.09
C SER A 45 4.40 -5.63 26.10
N SER A 46 5.52 -5.93 25.45
CA SER A 46 6.60 -4.96 25.37
C SER A 46 6.21 -3.79 24.48
N LYS A 47 6.66 -2.59 24.86
CA LYS A 47 6.35 -1.40 24.09
C LYS A 47 6.97 -1.47 22.70
N ILE A 48 8.20 -1.97 22.60
CA ILE A 48 8.90 -2.03 21.31
C ILE A 48 8.24 -3.02 20.37
N ASP A 49 7.45 -3.98 20.88
CA ASP A 49 6.79 -4.94 20.02
C ASP A 49 5.79 -4.25 19.09
N PHE A 50 5.00 -3.32 19.61
CA PHE A 50 4.06 -2.59 18.77
C PHE A 50 4.78 -1.77 17.71
N VAL A 51 5.88 -1.11 18.09
CA VAL A 51 6.63 -0.29 17.14
C VAL A 51 7.19 -1.16 16.03
N LEU A 52 7.77 -2.31 16.38
CA LEU A 52 8.31 -3.22 15.38
C LEU A 52 7.21 -3.74 14.46
N SER A 53 6.05 -4.10 15.04
CA SER A 53 4.96 -4.64 14.23
C SER A 53 4.46 -3.60 13.23
N VAL A 54 4.23 -2.38 13.69
CA VAL A 54 3.72 -1.35 12.78
C VAL A 54 4.77 -0.99 11.74
N ALA A 55 6.05 -0.93 12.16
CA ALA A 55 7.12 -0.61 11.21
C ALA A 55 7.22 -1.65 10.11
N GLY A 56 7.14 -2.93 10.47
CA GLY A 56 7.10 -3.96 9.46
C GLY A 56 5.85 -3.90 8.60
N GLY A 57 4.73 -3.49 9.19
CA GLY A 57 3.48 -3.47 8.45
C GLY A 57 3.44 -2.38 7.38
N PHE A 58 3.89 -1.17 7.73
CA PHE A 58 3.65 -0.02 6.86
C PHE A 58 4.87 0.39 6.04
N VAL A 59 5.90 -0.46 5.97
CA VAL A 59 7.00 -0.27 5.03
C VAL A 59 7.10 -1.53 4.18
N GLY A 60 7.64 -1.37 2.97
CA GLY A 60 7.79 -2.48 2.08
C GLY A 60 7.66 -2.11 0.61
N LEU A 61 6.79 -2.82 -0.11
CA LEU A 61 6.62 -2.57 -1.54
C LEU A 61 6.04 -1.20 -1.82
N GLY A 62 5.38 -0.56 -0.84
CA GLY A 62 4.86 0.77 -1.05
C GLY A 62 5.94 1.83 -1.11
N ASN A 63 7.11 1.57 -0.54
CA ASN A 63 8.22 2.52 -0.54
C ASN A 63 9.28 2.20 -1.58
N VAL A 64 9.51 0.91 -1.86
CA VAL A 64 10.56 0.50 -2.77
C VAL A 64 10.04 0.21 -4.19
N TRP A 65 8.75 -0.08 -4.34
CA TRP A 65 8.19 -0.44 -5.63
C TRP A 65 7.15 0.55 -6.13
N ARG A 66 6.13 0.88 -5.33
CA ARG A 66 5.05 1.72 -5.82
C ARG A 66 5.48 3.17 -5.92
N PHE A 67 6.19 3.69 -4.92
CA PHE A 67 6.58 5.10 -4.93
C PHE A 67 7.48 5.44 -6.10
N PRO A 68 8.58 4.72 -6.39
CA PRO A 68 9.40 5.09 -7.55
C PRO A 68 8.64 5.02 -8.87
N TYR A 69 7.77 4.02 -9.03
CA TYR A 69 7.05 3.88 -10.29
C TYR A 69 6.02 5.01 -10.46
N LEU A 70 5.34 5.38 -9.38
CA LEU A 70 4.39 6.48 -9.48
C LEU A 70 5.10 7.82 -9.69
N CYS A 71 6.28 7.99 -9.08
CA CYS A 71 7.04 9.21 -9.31
C CYS A 71 7.55 9.28 -10.75
N TYR A 72 8.02 8.15 -11.28
CA TYR A 72 8.50 8.12 -12.66
C TYR A 72 7.37 8.34 -13.66
N LYS A 73 6.19 7.79 -13.37
CA LYS A 73 5.05 7.94 -14.27
C LYS A 73 4.56 9.38 -14.33
N ASN A 74 4.69 10.14 -13.23
CA ASN A 74 4.15 11.49 -13.14
C ASN A 74 5.20 12.56 -13.35
N GLY A 75 6.30 12.25 -14.05
CA GLY A 75 7.29 13.24 -14.41
C GLY A 75 8.42 13.43 -13.42
N GLY A 76 8.37 12.80 -12.25
CA GLY A 76 9.46 12.89 -11.31
C GLY A 76 9.30 13.97 -10.26
N GLY A 77 9.95 15.11 -10.47
CA GLY A 77 9.95 16.16 -9.46
C GLY A 77 8.57 16.69 -9.16
N ALA A 78 7.74 16.88 -10.20
CA ALA A 78 6.41 17.42 -10.01
C ALA A 78 5.54 16.52 -9.12
N PHE A 79 5.89 15.24 -9.01
CA PHE A 79 5.16 14.34 -8.12
C PHE A 79 5.42 14.64 -6.65
N LEU A 80 6.56 15.26 -6.33
CA LEU A 80 6.91 15.47 -4.92
C LEU A 80 6.11 16.59 -4.29
N ILE A 81 5.72 17.60 -5.06
CA ILE A 81 5.00 18.75 -4.47
C ILE A 81 3.67 18.33 -3.87
N PRO A 82 2.78 17.62 -4.58
CA PRO A 82 1.58 17.11 -3.89
C PRO A 82 1.90 16.10 -2.82
N TYR A 83 2.94 15.28 -3.04
CA TYR A 83 3.28 14.21 -2.10
C TYR A 83 3.54 14.76 -0.71
N PHE A 84 4.28 15.86 -0.61
CA PHE A 84 4.49 16.49 0.68
C PHE A 84 3.23 17.18 1.18
N ILE A 85 2.43 17.76 0.29
CA ILE A 85 1.20 18.42 0.71
C ILE A 85 0.25 17.40 1.33
N PHE A 86 0.12 16.24 0.70
CA PHE A 86 -0.66 15.15 1.29
C PHE A 86 0.06 14.47 2.44
N LEU A 87 1.33 14.81 2.70
CA LEU A 87 2.08 14.17 3.76
C LEU A 87 1.84 14.83 5.12
N PHE A 88 1.71 16.16 5.15
CA PHE A 88 1.50 16.88 6.39
C PHE A 88 0.06 17.32 6.59
N GLY A 89 -0.60 17.80 5.52
CA GLY A 89 -2.01 18.13 5.64
C GLY A 89 -2.88 16.91 5.92
N SER A 90 -2.59 15.81 5.23
CA SER A 90 -3.26 14.55 5.48
C SER A 90 -2.22 13.44 5.65
N GLY A 91 -2.66 12.19 5.67
CA GLY A 91 -1.74 11.08 5.79
C GLY A 91 -1.27 10.87 7.21
N LEU A 92 -0.35 11.71 7.67
CA LEU A 92 0.07 11.66 9.08
C LEU A 92 -1.09 11.98 10.03
N PRO A 93 -1.87 13.05 9.83
CA PRO A 93 -3.04 13.22 10.71
C PRO A 93 -4.03 12.07 10.62
N VAL A 94 -4.24 11.50 9.44
CA VAL A 94 -5.18 10.39 9.31
C VAL A 94 -4.62 9.15 9.99
N PHE A 95 -3.32 8.91 9.85
CA PHE A 95 -2.69 7.77 10.52
C PHE A 95 -2.79 7.89 12.03
N PHE A 96 -2.49 9.08 12.56
CA PHE A 96 -2.62 9.29 14.00
C PHE A 96 -4.07 9.18 14.44
N LEU A 97 -5.01 9.64 13.61
CA LEU A 97 -6.43 9.52 13.94
C LEU A 97 -6.84 8.06 14.05
N GLU A 98 -6.42 7.24 13.09
CA GLU A 98 -6.75 5.82 13.15
C GLU A 98 -6.12 5.15 14.36
N ILE A 99 -4.86 5.46 14.65
CA ILE A 99 -4.20 4.86 15.81
C ILE A 99 -4.90 5.26 17.10
N ILE A 100 -5.26 6.54 17.22
CA ILE A 100 -5.92 7.02 18.43
C ILE A 100 -7.33 6.44 18.56
N ILE A 101 -8.04 6.25 17.43
CA ILE A 101 -9.35 5.62 17.49
C ILE A 101 -9.23 4.19 17.97
N GLY A 102 -8.25 3.45 17.44
CA GLY A 102 -8.03 2.09 17.90
C GLY A 102 -7.68 2.03 19.38
N GLN A 103 -6.81 2.93 19.84
CA GLN A 103 -6.40 2.91 21.24
C GLN A 103 -7.52 3.36 22.17
N TYR A 104 -8.40 4.25 21.70
CA TYR A 104 -9.45 4.79 22.55
C TYR A 104 -10.64 3.84 22.63
N THR A 105 -11.14 3.37 21.48
CA THR A 105 -12.27 2.45 21.48
C THR A 105 -11.87 1.03 21.87
N SER A 106 -10.59 0.67 21.75
CA SER A 106 -10.11 -0.68 22.04
C SER A 106 -10.86 -1.72 21.21
N GLU A 107 -11.14 -1.38 19.95
CA GLU A 107 -11.88 -2.23 19.04
C GLU A 107 -11.17 -2.30 17.70
N GLY A 108 -11.59 -3.24 16.87
CA GLY A 108 -10.97 -3.43 15.57
C GLY A 108 -11.37 -2.39 14.56
N GLY A 109 -11.40 -2.78 13.27
CA GLY A 109 -11.72 -1.84 12.22
C GLY A 109 -13.19 -1.61 11.97
N ILE A 110 -14.07 -2.41 12.59
CA ILE A 110 -15.50 -2.31 12.37
C ILE A 110 -16.23 -1.86 13.63
N THR A 111 -15.90 -2.44 14.79
CA THR A 111 -16.56 -2.07 16.03
C THR A 111 -16.15 -0.67 16.50
N CYS A 112 -14.97 -0.20 16.10
CA CYS A 112 -14.55 1.15 16.49
C CYS A 112 -15.51 2.20 15.95
N TRP A 113 -15.92 2.06 14.69
CA TRP A 113 -16.89 3.00 14.14
C TRP A 113 -18.28 2.79 14.75
N GLU A 114 -18.59 1.56 15.17
CA GLU A 114 -19.85 1.33 15.87
C GLU A 114 -19.88 2.11 17.19
N LYS A 115 -18.75 2.16 17.89
CA LYS A 115 -18.69 2.93 19.13
C LYS A 115 -18.62 4.43 18.87
N ILE A 116 -17.94 4.84 17.80
CA ILE A 116 -17.76 6.26 17.52
C ILE A 116 -19.02 6.86 16.91
N CYS A 117 -19.52 6.26 15.84
CA CYS A 117 -20.72 6.76 15.16
C CYS A 117 -21.43 5.57 14.51
N PRO A 118 -22.49 5.07 15.13
CA PRO A 118 -23.16 3.87 14.58
C PRO A 118 -23.68 4.06 13.17
N LEU A 119 -24.13 5.27 12.81
CA LEU A 119 -24.66 5.48 11.47
C LEU A 119 -23.60 5.26 10.40
N PHE A 120 -22.39 5.79 10.61
CA PHE A 120 -21.30 5.60 9.66
C PHE A 120 -20.42 4.42 10.03
N SER A 121 -21.04 3.27 10.25
CA SER A 121 -20.29 2.04 10.50
C SER A 121 -19.76 1.41 9.24
N GLY A 122 -20.47 1.57 8.12
CA GLY A 122 -20.07 0.95 6.86
C GLY A 122 -18.70 1.33 6.38
N ILE A 123 -18.17 2.47 6.84
CA ILE A 123 -16.79 2.83 6.50
C ILE A 123 -15.86 1.69 6.86
N GLY A 124 -16.01 1.14 8.07
CA GLY A 124 -15.21 -0.01 8.44
C GLY A 124 -15.37 -1.16 7.47
N TYR A 125 -16.63 -1.47 7.12
CA TYR A 125 -16.87 -2.50 6.10
C TYR A 125 -16.14 -2.16 4.82
N ALA A 126 -16.23 -0.90 4.37
CA ALA A 126 -15.51 -0.49 3.18
C ALA A 126 -14.03 -0.80 3.32
N SER A 127 -13.44 -0.45 4.47
CA SER A 127 -12.03 -0.73 4.69
C SER A 127 -11.75 -2.21 4.48
N VAL A 128 -12.59 -3.08 5.05
CA VAL A 128 -12.40 -4.52 4.87
C VAL A 128 -12.36 -4.85 3.39
N VAL A 129 -13.34 -4.37 2.63
CA VAL A 129 -13.37 -4.66 1.20
C VAL A 129 -12.05 -4.23 0.57
N ILE A 130 -11.59 -3.01 0.92
CA ILE A 130 -10.35 -2.51 0.34
C ILE A 130 -9.22 -3.48 0.62
N VAL A 131 -9.06 -3.88 1.89
CA VAL A 131 -7.92 -4.73 2.20
C VAL A 131 -8.05 -6.05 1.48
N SER A 132 -9.28 -6.55 1.32
CA SER A 132 -9.47 -7.78 0.57
C SER A 132 -8.90 -7.65 -0.83
N LEU A 133 -9.26 -6.57 -1.52
CA LEU A 133 -8.73 -6.35 -2.86
C LEU A 133 -7.21 -6.28 -2.84
N LEU A 134 -6.66 -5.63 -1.81
CA LEU A 134 -5.20 -5.56 -1.72
C LEU A 134 -4.60 -6.96 -1.64
N ASN A 135 -5.18 -7.82 -0.80
CA ASN A 135 -4.64 -9.17 -0.65
C ASN A 135 -4.75 -9.95 -1.95
N VAL A 136 -5.60 -9.50 -2.87
CA VAL A 136 -5.70 -10.16 -4.17
C VAL A 136 -4.45 -9.90 -5.00
N TYR A 137 -3.95 -8.65 -4.98
CA TYR A 137 -2.91 -8.28 -5.92
C TYR A 137 -1.58 -7.93 -5.27
N TYR A 138 -1.58 -7.42 -4.04
CA TYR A 138 -0.33 -7.00 -3.41
C TYR A 138 0.66 -8.14 -3.27
N ILE A 139 0.17 -9.38 -3.15
CA ILE A 139 1.07 -10.54 -3.06
C ILE A 139 1.61 -10.97 -4.40
N VAL A 140 0.92 -10.62 -5.50
CA VAL A 140 1.36 -11.03 -6.83
C VAL A 140 2.76 -10.52 -7.11
N ILE A 141 3.07 -9.30 -6.67
CA ILE A 141 4.42 -8.76 -6.84
C ILE A 141 5.46 -9.72 -6.28
N LEU A 142 5.20 -10.24 -5.07
CA LEU A 142 6.13 -11.17 -4.46
C LEU A 142 6.38 -12.36 -5.37
N ALA A 143 5.33 -12.89 -6.01
CA ALA A 143 5.52 -13.98 -6.96
C ALA A 143 6.58 -13.62 -7.99
N TRP A 144 6.45 -12.43 -8.60
CA TRP A 144 7.46 -11.98 -9.54
C TRP A 144 8.84 -11.99 -8.90
N ALA A 145 8.95 -11.40 -7.71
CA ALA A 145 10.22 -11.41 -7.00
C ALA A 145 10.71 -12.83 -6.79
N THR A 146 9.81 -13.73 -6.38
CA THR A 146 10.19 -15.12 -6.19
C THR A 146 10.75 -15.69 -7.48
N TYR A 147 10.07 -15.42 -8.61
CA TYR A 147 10.58 -15.89 -9.89
C TYR A 147 11.98 -15.34 -10.13
N TYR A 148 12.19 -14.05 -9.89
CA TYR A 148 13.51 -13.47 -10.06
C TYR A 148 14.52 -14.17 -9.16
N LEU A 149 14.11 -14.51 -7.93
CA LEU A 149 15.02 -15.24 -7.05
C LEU A 149 15.40 -16.58 -7.65
N PHE A 150 14.43 -17.29 -8.25
CA PHE A 150 14.75 -18.56 -8.89
C PHE A 150 15.63 -18.36 -10.11
N GLN A 151 15.62 -17.15 -10.69
CA GLN A 151 16.52 -16.86 -11.80
C GLN A 151 17.88 -16.36 -11.34
N SER A 152 18.07 -16.15 -10.03
CA SER A 152 19.32 -15.63 -9.51
C SER A 152 20.28 -16.73 -9.06
N PHE A 153 19.91 -18.00 -9.23
CA PHE A 153 20.73 -19.11 -8.77
C PHE A 153 21.57 -19.73 -9.89
N GLN A 154 21.88 -18.97 -10.93
CA GLN A 154 22.71 -19.44 -12.03
C GLN A 154 23.99 -18.63 -12.11
N LYS A 155 24.91 -19.10 -12.96
CA LYS A 155 26.22 -18.47 -13.06
C LYS A 155 26.12 -17.04 -13.55
N GLU A 156 25.30 -16.80 -14.58
CA GLU A 156 25.12 -15.48 -15.15
C GLU A 156 23.65 -15.07 -15.07
N LEU A 157 23.41 -13.83 -14.68
CA LEU A 157 22.03 -13.35 -14.58
C LEU A 157 21.40 -13.31 -15.97
N PRO A 158 20.17 -13.81 -16.12
CA PRO A 158 19.55 -13.83 -17.45
C PRO A 158 19.30 -12.46 -18.03
N TRP A 159 19.16 -11.43 -17.19
CA TRP A 159 18.90 -10.08 -17.68
C TRP A 159 20.19 -9.31 -17.90
N ALA A 160 21.14 -9.92 -18.62
CA ALA A 160 22.44 -9.30 -18.82
C ALA A 160 22.82 -9.19 -20.29
N HIS A 161 22.43 -10.18 -21.09
CA HIS A 161 22.86 -10.23 -22.48
C HIS A 161 21.68 -10.58 -23.38
N CYS A 162 21.80 -10.18 -24.65
CA CYS A 162 20.78 -10.46 -25.65
C CYS A 162 21.18 -11.70 -26.46
N ASN A 163 21.12 -12.85 -25.79
CA ASN A 163 21.46 -14.11 -26.44
C ASN A 163 20.53 -15.25 -26.06
N HIS A 164 19.51 -15.01 -25.23
CA HIS A 164 18.63 -16.08 -24.79
C HIS A 164 17.57 -16.37 -25.86
N SER A 165 16.71 -17.34 -25.58
CA SER A 165 15.67 -17.75 -26.52
C SER A 165 14.46 -16.83 -26.51
N TRP A 166 14.33 -15.97 -25.51
CA TRP A 166 13.21 -15.05 -25.41
C TRP A 166 13.54 -13.65 -25.88
N ASN A 167 14.71 -13.46 -26.50
CA ASN A 167 15.15 -12.14 -26.93
C ASN A 167 14.75 -11.89 -28.38
N THR A 168 14.11 -10.75 -28.62
CA THR A 168 13.73 -10.37 -29.98
C THR A 168 14.97 -9.97 -30.77
N PRO A 169 14.88 -9.96 -32.11
CA PRO A 169 16.02 -9.50 -32.92
C PRO A 169 16.40 -8.04 -32.65
N HIS A 170 15.51 -7.25 -32.06
CA HIS A 170 15.79 -5.87 -31.72
C HIS A 170 16.39 -5.71 -30.33
N CYS A 171 17.08 -6.73 -29.83
CA CYS A 171 17.73 -6.69 -28.52
C CYS A 171 19.20 -6.35 -28.70
N MET A 172 19.62 -5.24 -28.10
CA MET A 172 21.01 -4.80 -28.14
C MET A 172 21.49 -4.54 -26.72
N GLU A 173 22.72 -4.96 -26.44
CA GLU A 173 23.32 -4.70 -25.14
C GLU A 173 23.48 -3.20 -24.92
N ASP A 174 23.22 -2.75 -23.70
CA ASP A 174 23.25 -1.33 -23.40
C ASP A 174 24.64 -0.74 -23.61
N THR A 175 25.70 -1.54 -23.41
CA THR A 175 27.05 -1.04 -23.66
C THR A 175 27.29 -0.77 -25.13
N MET A 176 26.58 -1.47 -26.01
CA MET A 176 26.73 -1.31 -27.46
C MET A 176 25.58 -0.53 -28.09
N ARG A 177 24.69 0.03 -27.27
CA ARG A 177 23.53 0.75 -27.80
C ARG A 177 23.89 2.12 -28.36
N LYS A 178 25.02 2.70 -27.95
CA LYS A 178 25.51 4.01 -28.39
C LYS A 178 24.40 5.03 -28.67
N ASN A 190 12.69 0.35 -32.58
CA ASN A 190 14.08 0.61 -32.19
C ASN A 190 14.59 -0.51 -31.29
N PHE A 191 15.84 -0.38 -30.85
CA PHE A 191 16.45 -1.40 -30.00
C PHE A 191 15.79 -1.42 -28.62
N THR A 192 15.88 -2.57 -27.96
CA THR A 192 15.29 -2.77 -26.64
C THR A 192 16.34 -3.33 -25.70
N SER A 193 16.33 -2.85 -24.46
CA SER A 193 17.30 -3.29 -23.47
C SER A 193 17.03 -4.75 -23.08
N PRO A 194 18.08 -5.54 -22.82
CA PRO A 194 17.84 -6.94 -22.41
C PRO A 194 17.06 -7.07 -21.11
N VAL A 195 17.22 -6.14 -20.18
CA VAL A 195 16.48 -6.22 -18.92
C VAL A 195 14.99 -6.05 -19.17
N ILE A 196 14.62 -5.08 -20.01
CA ILE A 196 13.21 -4.85 -20.32
C ILE A 196 12.62 -6.06 -21.05
N GLU A 197 13.37 -6.63 -21.99
CA GLU A 197 12.88 -7.82 -22.70
C GLU A 197 12.73 -9.00 -21.76
N PHE A 198 13.65 -9.18 -20.82
CA PHE A 198 13.50 -10.25 -19.84
C PHE A 198 12.27 -10.02 -18.97
N TRP A 199 12.02 -8.77 -18.58
CA TRP A 199 10.87 -8.49 -17.72
C TRP A 199 9.55 -8.72 -18.45
N GLU A 200 9.45 -8.26 -19.70
CA GLU A 200 8.17 -8.27 -20.41
C GLU A 200 8.03 -9.42 -21.40
N ARG A 201 8.99 -10.35 -21.43
CA ARG A 201 8.91 -11.50 -22.33
C ARG A 201 9.22 -12.83 -21.67
N ASN A 202 9.93 -12.84 -20.54
CA ASN A 202 10.21 -14.08 -19.81
C ASN A 202 9.43 -14.15 -18.49
N VAL A 203 9.55 -13.13 -17.65
CA VAL A 203 8.79 -13.11 -16.40
C VAL A 203 7.30 -12.96 -16.70
N LEU A 204 6.94 -12.01 -17.56
CA LEU A 204 5.54 -11.72 -17.86
C LEU A 204 5.02 -12.40 -19.12
N SER A 205 5.81 -12.39 -20.20
CA SER A 205 5.34 -12.80 -21.52
C SER A 205 4.08 -12.02 -21.90
N LEU A 206 4.26 -10.71 -22.00
CA LEU A 206 3.14 -9.79 -22.11
C LEU A 206 2.33 -10.05 -23.38
N SER A 207 1.01 -9.90 -23.27
CA SER A 207 0.04 -10.09 -24.34
C SER A 207 -0.28 -8.76 -24.99
N PRO A 208 -0.84 -8.77 -26.21
CA PRO A 208 -1.20 -7.50 -26.87
C PRO A 208 -2.22 -6.67 -26.11
N GLY A 209 -3.02 -7.28 -25.24
CA GLY A 209 -4.01 -6.50 -24.51
C GLY A 209 -4.63 -7.32 -23.39
N ILE A 210 -5.46 -6.63 -22.60
CA ILE A 210 -6.15 -7.30 -21.50
C ILE A 210 -7.18 -8.29 -22.03
N ASP A 211 -7.75 -8.03 -23.21
CA ASP A 211 -8.71 -8.93 -23.83
C ASP A 211 -8.04 -10.13 -24.50
N HIS A 212 -6.74 -10.36 -24.24
CA HIS A 212 -6.02 -11.51 -24.74
C HIS A 212 -5.34 -12.20 -23.55
N PRO A 213 -6.10 -12.94 -22.75
CA PRO A 213 -5.50 -13.59 -21.57
C PRO A 213 -4.46 -14.64 -21.92
N GLY A 214 -4.48 -15.18 -23.13
CA GLY A 214 -3.53 -16.20 -23.53
C GLY A 214 -3.66 -17.48 -22.72
N SER A 215 -2.56 -17.90 -22.10
CA SER A 215 -2.54 -19.10 -21.29
C SER A 215 -1.89 -18.79 -19.94
N LEU A 216 -2.31 -19.51 -18.91
CA LEU A 216 -1.77 -19.32 -17.58
C LEU A 216 -0.31 -19.74 -17.53
N LYS A 217 0.53 -18.89 -16.93
CA LYS A 217 1.95 -19.20 -16.76
C LYS A 217 2.11 -20.09 -15.53
N TRP A 218 2.58 -21.32 -15.73
CA TRP A 218 2.70 -22.26 -14.63
C TRP A 218 3.80 -21.89 -13.64
N ASP A 219 4.88 -21.27 -14.10
CA ASP A 219 5.96 -20.91 -13.19
C ASP A 219 5.54 -19.81 -12.22
N LEU A 220 4.92 -18.74 -12.74
CA LEU A 220 4.42 -17.70 -11.84
C LEU A 220 3.29 -18.20 -10.97
N ALA A 221 2.45 -19.11 -11.49
CA ALA A 221 1.40 -19.70 -10.67
C ALA A 221 1.99 -20.50 -9.52
N LEU A 222 3.04 -21.28 -9.78
CA LEU A 222 3.71 -22.02 -8.72
C LEU A 222 4.36 -21.10 -7.71
N CYS A 223 4.99 -20.01 -8.18
CA CYS A 223 5.58 -19.05 -7.26
C CYS A 223 4.53 -18.40 -6.36
N LEU A 224 3.40 -18.00 -6.95
CA LEU A 224 2.32 -17.42 -6.17
C LEU A 224 1.74 -18.43 -5.17
N LEU A 225 1.61 -19.69 -5.59
CA LEU A 225 1.13 -20.72 -4.69
C LEU A 225 2.09 -20.92 -3.52
N LEU A 226 3.40 -20.92 -3.79
CA LEU A 226 4.37 -21.08 -2.72
C LEU A 226 4.31 -19.90 -1.74
N VAL A 227 4.21 -18.68 -2.28
CA VAL A 227 4.13 -17.51 -1.40
C VAL A 227 2.85 -17.55 -0.57
N TRP A 228 1.74 -17.96 -1.18
CA TRP A 228 0.48 -18.05 -0.42
C TRP A 228 0.55 -19.14 0.63
N LEU A 229 1.21 -20.26 0.33
CA LEU A 229 1.40 -21.29 1.35
C LEU A 229 2.23 -20.78 2.50
N VAL A 230 3.29 -20.02 2.21
CA VAL A 230 4.10 -19.44 3.28
C VAL A 230 3.27 -18.50 4.12
N CYS A 231 2.46 -17.65 3.48
CA CYS A 231 1.60 -16.73 4.22
C CYS A 231 0.59 -17.48 5.08
N PHE A 232 -0.02 -18.53 4.52
CA PHE A 232 -1.01 -19.30 5.27
C PHE A 232 -0.38 -19.98 6.48
N PHE A 233 0.80 -20.58 6.31
CA PHE A 233 1.48 -21.18 7.44
C PHE A 233 1.88 -20.15 8.50
N CYS A 234 2.35 -18.98 8.07
CA CYS A 234 2.67 -17.93 9.03
C CYS A 234 1.45 -17.47 9.81
N ILE A 235 0.32 -17.31 9.13
CA ILE A 235 -0.90 -16.86 9.82
C ILE A 235 -1.42 -17.94 10.76
N TRP A 236 -1.44 -19.19 10.29
CA TRP A 236 -1.98 -20.30 11.08
C TRP A 236 -1.11 -20.60 12.30
N LYS A 237 0.16 -20.93 12.08
CA LYS A 237 1.02 -21.32 13.18
C LYS A 237 1.44 -20.14 14.04
N GLY A 238 1.20 -18.91 13.60
CA GLY A 238 1.61 -17.75 14.36
C GLY A 238 3.09 -17.43 14.26
N VAL A 239 3.82 -18.09 13.36
CA VAL A 239 5.25 -17.83 13.23
C VAL A 239 5.46 -16.42 12.73
N ARG A 240 6.39 -15.70 13.37
CA ARG A 240 6.71 -14.33 13.00
C ARG A 240 8.09 -14.01 13.54
N SER A 241 8.61 -12.87 13.11
CA SER A 241 9.93 -12.42 13.55
C SER A 241 9.92 -12.20 15.06
N THR A 242 10.64 -13.04 15.79
CA THR A 242 10.68 -12.96 17.25
C THR A 242 12.14 -13.05 17.70
N GLY A 243 12.52 -12.18 18.61
CA GLY A 243 13.87 -12.18 19.14
C GLY A 243 14.90 -11.63 18.18
N LYS A 244 16.10 -12.23 18.17
CA LYS A 244 17.18 -11.72 17.34
C LYS A 244 16.79 -11.65 15.86
N VAL A 245 15.85 -12.50 15.44
CA VAL A 245 15.41 -12.51 14.05
C VAL A 245 14.89 -11.14 13.64
N VAL A 246 14.21 -10.44 14.55
CA VAL A 246 13.65 -9.14 14.20
C VAL A 246 14.75 -8.19 13.77
N TYR A 247 15.95 -8.33 14.35
CA TYR A 247 17.07 -7.50 13.92
C TYR A 247 17.35 -7.73 12.43
N PHE A 248 17.49 -9.00 12.03
CA PHE A 248 17.65 -9.31 10.62
C PHE A 248 16.41 -8.91 9.83
N THR A 249 15.25 -8.89 10.49
CA THR A 249 14.04 -8.44 9.82
C THR A 249 14.04 -6.92 9.65
N ALA A 250 14.76 -6.20 10.50
CA ALA A 250 14.74 -4.75 10.48
C ALA A 250 15.99 -4.12 9.88
N THR A 251 17.17 -4.55 10.31
CA THR A 251 18.41 -3.92 9.84
C THR A 251 18.73 -4.29 8.40
N PHE A 252 18.45 -5.54 7.99
CA PHE A 252 18.78 -5.95 6.63
C PHE A 252 18.05 -5.16 5.55
N PRO A 253 16.72 -4.95 5.62
CA PRO A 253 16.08 -4.16 4.55
C PRO A 253 16.64 -2.76 4.40
N PHE A 254 17.02 -2.11 5.51
CA PHE A 254 17.60 -0.78 5.43
C PHE A 254 19.09 -0.81 5.10
N ALA A 255 19.73 -1.96 5.20
CA ALA A 255 21.14 -2.06 4.84
C ALA A 255 21.32 -2.18 3.33
N MET A 256 20.61 -3.13 2.70
CA MET A 256 20.77 -3.36 1.28
C MET A 256 20.42 -2.12 0.47
N LEU A 257 19.33 -1.44 0.84
CA LEU A 257 19.00 -0.18 0.17
C LEU A 257 20.16 0.81 0.25
N LEU A 258 20.81 0.89 1.42
CA LEU A 258 21.98 1.75 1.55
C LEU A 258 23.04 1.37 0.52
N VAL A 259 23.27 0.07 0.34
CA VAL A 259 24.22 -0.37 -0.68
C VAL A 259 23.80 0.16 -2.04
N LEU A 260 22.51 0.05 -2.37
CA LEU A 260 22.01 0.64 -3.61
C LEU A 260 22.26 2.14 -3.63
N LEU A 261 22.02 2.80 -2.50
CA LEU A 261 22.29 4.23 -2.40
C LEU A 261 23.78 4.52 -2.66
N VAL A 262 24.65 3.59 -2.27
CA VAL A 262 26.06 3.74 -2.59
C VAL A 262 26.29 3.53 -4.08
N ARG A 263 25.60 2.55 -4.68
CA ARG A 263 25.82 2.24 -6.08
C ARG A 263 25.26 3.32 -6.99
N GLY A 264 23.95 3.59 -6.87
CA GLY A 264 23.31 4.53 -7.78
C GLY A 264 23.95 5.90 -7.75
N LEU A 265 24.34 6.36 -6.57
CA LEU A 265 25.01 7.67 -6.46
C LEU A 265 26.35 7.66 -7.20
N THR A 266 27.10 6.57 -7.12
CA THR A 266 28.42 6.55 -7.73
C THR A 266 28.39 6.12 -9.20
N LEU A 267 27.23 5.71 -9.71
CA LEU A 267 27.12 5.41 -11.13
C LEU A 267 27.26 6.68 -11.95
N PRO A 268 27.99 6.63 -13.08
CA PRO A 268 28.09 7.82 -13.92
C PRO A 268 26.74 8.21 -14.48
N GLY A 269 26.54 9.52 -14.64
CA GLY A 269 25.27 10.03 -15.13
C GLY A 269 24.15 10.07 -14.12
N ALA A 270 24.45 9.84 -12.83
CA ALA A 270 23.42 9.89 -11.80
C ALA A 270 22.96 11.31 -11.50
N GLY A 271 23.78 12.32 -11.84
CA GLY A 271 23.37 13.69 -11.61
C GLY A 271 22.12 14.06 -12.40
N ALA A 272 22.03 13.60 -13.65
CA ALA A 272 20.84 13.86 -14.45
C ALA A 272 19.61 13.19 -13.85
N GLY A 273 19.75 11.95 -13.37
CA GLY A 273 18.63 11.28 -12.74
C GLY A 273 18.18 11.97 -11.47
N ILE A 274 19.12 12.41 -10.65
CA ILE A 274 18.77 13.13 -9.43
C ILE A 274 18.09 14.45 -9.76
N LYS A 275 18.58 15.16 -10.77
CA LYS A 275 17.96 16.41 -11.18
C LYS A 275 16.55 16.19 -11.70
N PHE A 276 16.35 15.10 -12.45
CA PHE A 276 15.00 14.75 -12.91
C PHE A 276 14.09 14.41 -11.74
N TYR A 277 14.63 13.73 -10.72
CA TYR A 277 13.82 13.33 -9.57
C TYR A 277 13.47 14.50 -8.66
N LEU A 278 14.34 15.50 -8.56
CA LEU A 278 14.16 16.60 -7.61
C LEU A 278 13.48 17.81 -8.23
N TYR A 279 13.96 18.27 -9.37
CA TYR A 279 13.41 19.50 -9.97
C TYR A 279 12.02 19.24 -10.51
N PRO A 280 11.00 19.98 -10.07
CA PRO A 280 9.63 19.72 -10.52
C PRO A 280 9.27 20.49 -11.78
N ASP A 281 8.24 19.98 -12.46
CA ASP A 281 7.66 20.64 -13.62
C ASP A 281 6.36 21.30 -13.19
N ILE A 282 6.30 22.64 -13.32
CA ILE A 282 5.14 23.38 -12.85
C ILE A 282 3.91 23.01 -13.67
N THR A 283 4.04 22.97 -14.99
CA THR A 283 2.90 22.67 -15.86
C THR A 283 2.36 21.27 -15.66
N ARG A 284 3.12 20.36 -15.05
CA ARG A 284 2.62 19.04 -14.75
C ARG A 284 1.66 19.03 -13.58
N LEU A 285 1.62 20.10 -12.79
CA LEU A 285 0.72 20.17 -11.64
C LEU A 285 -0.68 20.62 -12.01
N GLU A 286 -0.93 20.98 -13.27
CA GLU A 286 -2.24 21.45 -13.68
C GLU A 286 -3.22 20.33 -13.97
N ASP A 287 -2.77 19.07 -13.95
CA ASP A 287 -3.67 17.95 -14.13
C ASP A 287 -3.90 17.22 -12.82
N PRO A 288 -5.11 16.67 -12.59
CA PRO A 288 -5.39 16.04 -11.31
C PRO A 288 -4.72 14.69 -11.11
N GLN A 289 -4.13 14.11 -12.17
CA GLN A 289 -3.54 12.78 -12.05
C GLN A 289 -2.39 12.76 -11.05
N VAL A 290 -1.51 13.76 -11.11
CA VAL A 290 -0.38 13.79 -10.20
C VAL A 290 -0.85 13.97 -8.75
N TRP A 291 -1.82 14.85 -8.54
CA TRP A 291 -2.34 15.08 -7.20
C TRP A 291 -2.98 13.82 -6.62
N ILE A 292 -3.83 13.16 -7.40
CA ILE A 292 -4.51 11.98 -6.88
C ILE A 292 -3.51 10.83 -6.68
N ASP A 293 -2.52 10.69 -7.57
CA ASP A 293 -1.51 9.66 -7.39
C ASP A 293 -0.69 9.90 -6.13
N ALA A 294 -0.30 11.15 -5.88
CA ALA A 294 0.45 11.45 -4.67
C ALA A 294 -0.38 11.20 -3.42
N GLY A 295 -1.65 11.61 -3.42
CA GLY A 295 -2.50 11.38 -2.26
C GLY A 295 -2.70 9.90 -1.99
N THR A 296 -2.97 9.13 -3.05
CA THR A 296 -3.17 7.69 -2.88
C THR A 296 -1.88 6.97 -2.52
N GLN A 297 -0.73 7.45 -2.98
CA GLN A 297 0.54 6.86 -2.55
C GLN A 297 0.79 7.15 -1.07
N ILE A 298 0.45 8.35 -0.61
CA ILE A 298 0.56 8.66 0.82
C ILE A 298 -0.34 7.74 1.62
N PHE A 299 -1.59 7.55 1.17
CA PHE A 299 -2.51 6.67 1.88
C PHE A 299 -2.04 5.22 1.85
N PHE A 300 -1.48 4.79 0.72
CA PHE A 300 -1.05 3.39 0.57
C PHE A 300 0.17 3.09 1.44
N SER A 301 1.14 4.00 1.46
CA SER A 301 2.36 3.75 2.23
C SER A 301 2.06 3.63 3.72
N TYR A 302 1.16 4.47 4.23
CA TYR A 302 0.79 4.43 5.63
C TYR A 302 -0.26 3.38 5.95
N ALA A 303 -0.77 2.68 4.93
CA ALA A 303 -1.75 1.60 5.11
C ALA A 303 -3.00 2.09 5.83
N ILE A 304 -3.33 3.36 5.67
CA ILE A 304 -4.51 3.93 6.30
C ILE A 304 -5.71 3.72 5.38
N CYS A 305 -6.91 3.88 5.96
CA CYS A 305 -8.18 3.63 5.29
C CYS A 305 -8.36 2.16 4.93
N LEU A 306 -7.64 1.27 5.62
CA LEU A 306 -7.76 -0.16 5.42
C LEU A 306 -8.25 -0.91 6.65
N GLY A 307 -8.24 -0.29 7.83
CA GLY A 307 -8.63 -0.95 9.05
C GLY A 307 -7.52 -1.70 9.76
N ALA A 308 -6.35 -1.81 9.13
CA ALA A 308 -5.23 -2.50 9.79
C ALA A 308 -4.61 -1.63 10.87
N MET A 309 -4.49 -0.33 10.62
CA MET A 309 -3.88 0.56 11.61
C MET A 309 -4.75 0.67 12.86
N THR A 310 -6.07 0.73 12.68
CA THR A 310 -6.96 0.78 13.83
C THR A 310 -6.84 -0.49 14.66
N SER A 311 -6.78 -1.65 14.00
CA SER A 311 -6.62 -2.91 14.72
C SER A 311 -5.29 -2.96 15.46
N LEU A 312 -4.21 -2.50 14.82
CA LEU A 312 -2.91 -2.50 15.48
C LEU A 312 -2.89 -1.57 16.68
N GLY A 313 -3.54 -0.40 16.55
CA GLY A 313 -3.62 0.52 17.68
C GLY A 313 -4.58 0.07 18.76
N SER A 314 -5.48 -0.86 18.45
CA SER A 314 -6.40 -1.37 19.47
C SER A 314 -5.65 -2.08 20.58
N TYR A 315 -4.61 -2.85 20.24
CA TYR A 315 -3.85 -3.58 21.25
C TYR A 315 -3.00 -2.68 22.12
N ASN A 316 -2.86 -1.40 21.77
CA ASN A 316 -2.08 -0.48 22.59
C ASN A 316 -2.76 -0.24 23.93
N LYS A 317 -1.96 0.02 24.94
CA LYS A 317 -2.49 0.39 26.24
C LYS A 317 -3.18 1.75 26.14
N TYR A 318 -4.21 1.95 26.98
CA TYR A 318 -4.97 3.19 26.93
C TYR A 318 -4.09 4.39 27.25
N LYS A 319 -3.27 4.30 28.29
CA LYS A 319 -2.37 5.37 28.68
C LYS A 319 -1.01 5.11 28.02
N TYR A 320 -0.92 5.48 26.75
CA TYR A 320 0.28 5.27 25.96
C TYR A 320 0.45 6.45 25.00
N ASN A 321 1.61 7.11 25.07
CA ASN A 321 1.89 8.28 24.24
C ASN A 321 2.22 7.79 22.83
N SER A 322 1.18 7.57 22.04
CA SER A 322 1.33 7.12 20.66
C SER A 322 1.51 8.26 19.68
N TYR A 323 1.36 9.51 20.11
CA TYR A 323 1.52 10.64 19.20
C TYR A 323 2.96 10.75 18.72
N ARG A 324 3.91 10.73 19.66
CA ARG A 324 5.33 10.83 19.29
C ARG A 324 5.75 9.63 18.44
N ASP A 325 5.31 8.43 18.82
CA ASP A 325 5.67 7.25 18.06
C ASP A 325 5.11 7.28 16.65
N CYS A 326 3.85 7.72 16.51
CA CYS A 326 3.26 7.83 15.18
C CYS A 326 4.00 8.85 14.33
N MET A 327 4.34 10.00 14.90
CA MET A 327 5.08 10.99 14.14
C MET A 327 6.46 10.47 13.72
N LEU A 328 7.16 9.79 14.62
CA LEU A 328 8.47 9.25 14.30
C LEU A 328 8.37 8.20 13.20
N LEU A 329 7.38 7.31 13.29
CA LEU A 329 7.20 6.29 12.27
C LEU A 329 6.85 6.89 10.92
N GLY A 330 6.00 7.91 10.90
CA GLY A 330 5.69 8.58 9.64
C GLY A 330 6.90 9.25 9.03
N CYS A 331 7.72 9.90 9.86
CA CYS A 331 8.95 10.51 9.36
C CYS A 331 9.90 9.44 8.81
N LEU A 332 10.01 8.31 9.50
CA LEU A 332 10.86 7.23 9.02
C LEU A 332 10.38 6.69 7.68
N ASN A 333 9.06 6.49 7.54
CA ASN A 333 8.53 5.97 6.29
C ASN A 333 8.75 6.95 5.13
N SER A 334 8.48 8.24 5.37
CA SER A 334 8.71 9.25 4.34
C SER A 334 10.19 9.35 3.97
N GLY A 335 11.09 9.31 4.95
CA GLY A 335 12.51 9.33 4.64
C GLY A 335 12.95 8.11 3.87
N THR A 336 12.42 6.93 4.21
CA THR A 336 12.75 5.72 3.46
C THR A 336 12.32 5.84 2.01
N SER A 337 11.09 6.30 1.77
CA SER A 337 10.63 6.47 0.39
C SER A 337 11.48 7.49 -0.35
N PHE A 338 11.80 8.61 0.31
CA PHE A 338 12.58 9.67 -0.34
C PHE A 338 13.98 9.19 -0.68
N VAL A 339 14.61 8.41 0.21
CA VAL A 339 15.95 7.92 -0.05
C VAL A 339 15.94 6.87 -1.14
N SER A 340 14.97 5.95 -1.12
CA SER A 340 14.87 4.95 -2.18
C SER A 340 14.64 5.58 -3.54
N GLY A 341 13.87 6.68 -3.59
CA GLY A 341 13.72 7.40 -4.84
C GLY A 341 15.03 7.90 -5.40
N PHE A 342 15.93 8.37 -4.53
CA PHE A 342 17.25 8.80 -4.99
C PHE A 342 18.00 7.69 -5.71
N ALA A 343 18.05 6.50 -5.11
CA ALA A 343 18.75 5.39 -5.74
C ALA A 343 18.08 4.99 -7.05
N ILE A 344 16.75 4.88 -7.04
CA ILE A 344 16.03 4.47 -8.24
C ILE A 344 16.32 5.44 -9.39
N PHE A 345 16.21 6.73 -9.12
CA PHE A 345 16.37 7.71 -10.20
C PHE A 345 17.83 7.90 -10.59
N SER A 346 18.78 7.68 -9.68
CA SER A 346 20.18 7.65 -10.09
C SER A 346 20.46 6.48 -11.03
N ILE A 347 19.89 5.32 -10.73
CA ILE A 347 20.03 4.18 -11.64
C ILE A 347 19.41 4.49 -12.99
N LEU A 348 18.23 5.12 -12.97
CA LEU A 348 17.56 5.48 -14.22
C LEU A 348 18.39 6.50 -15.02
N GLY A 349 19.01 7.46 -14.34
CA GLY A 349 19.86 8.41 -15.03
C GLY A 349 21.09 7.76 -15.64
N PHE A 350 21.69 6.80 -14.92
CA PHE A 350 22.81 6.05 -15.49
C PHE A 350 22.37 5.27 -16.72
N MET A 351 21.20 4.63 -16.67
CA MET A 351 20.69 3.91 -17.82
C MET A 351 20.45 4.84 -18.99
N ALA A 352 19.89 6.03 -18.72
CA ALA A 352 19.68 7.00 -19.78
C ALA A 352 21.00 7.45 -20.41
N GLN A 353 22.03 7.68 -19.59
CA GLN A 353 23.31 8.08 -20.13
C GLN A 353 23.93 6.98 -20.98
N GLU A 354 23.86 5.73 -20.52
CA GLU A 354 24.53 4.65 -21.24
C GLU A 354 23.77 4.26 -22.51
N GLN A 355 22.43 4.40 -22.49
CA GLN A 355 21.65 4.02 -23.66
C GLN A 355 21.49 5.18 -24.64
N GLY A 356 21.61 6.42 -24.18
CA GLY A 356 21.46 7.57 -25.03
C GLY A 356 20.02 8.03 -25.23
N VAL A 357 19.05 7.40 -24.57
CA VAL A 357 17.67 7.79 -24.69
C VAL A 357 17.31 8.67 -23.49
N ASP A 358 16.19 9.38 -23.61
CA ASP A 358 15.75 10.29 -22.56
C ASP A 358 15.41 9.51 -21.28
N ILE A 359 15.57 10.19 -20.14
CA ILE A 359 15.35 9.55 -18.85
C ILE A 359 13.91 9.08 -18.71
N ALA A 360 12.97 9.76 -19.38
CA ALA A 360 11.57 9.38 -19.31
C ALA A 360 11.23 8.18 -20.17
N ASP A 361 12.18 7.68 -20.98
CA ASP A 361 11.93 6.56 -21.87
C ASP A 361 12.97 5.46 -21.68
N VAL A 362 13.44 5.25 -20.45
CA VAL A 362 14.45 4.22 -20.21
C VAL A 362 13.86 2.91 -19.70
N ALA A 363 12.68 2.93 -19.10
CA ALA A 363 12.10 1.73 -18.53
C ALA A 363 10.59 1.83 -18.63
N GLU A 364 9.89 0.95 -17.91
CA GLU A 364 8.44 0.89 -17.94
C GLU A 364 7.85 1.93 -17.00
N SER A 365 6.92 2.73 -17.51
CA SER A 365 6.18 3.66 -16.67
C SER A 365 5.01 2.95 -16.01
N GLY A 366 5.30 1.85 -15.33
CA GLY A 366 4.28 1.04 -14.72
C GLY A 366 4.81 0.25 -13.53
N PRO A 367 4.07 -0.79 -13.13
CA PRO A 367 4.46 -1.55 -11.93
C PRO A 367 5.81 -2.24 -12.03
N GLY A 368 6.37 -2.39 -13.23
CA GLY A 368 7.63 -3.09 -13.42
C GLY A 368 8.86 -2.23 -13.41
N LEU A 369 8.78 -0.98 -12.96
CA LEU A 369 9.97 -0.13 -12.93
C LEU A 369 11.02 -0.67 -11.97
N ALA A 370 10.58 -1.12 -10.79
CA ALA A 370 11.53 -1.64 -9.79
C ALA A 370 12.20 -2.93 -10.26
N PHE A 371 11.63 -3.63 -11.23
CA PHE A 371 12.21 -4.84 -11.77
C PHE A 371 13.05 -4.61 -13.01
N ILE A 372 13.24 -3.35 -13.41
CA ILE A 372 14.07 -3.03 -14.57
C ILE A 372 15.26 -2.20 -14.10
N ALA A 373 15.08 -1.42 -13.04
CA ALA A 373 16.12 -0.53 -12.56
C ALA A 373 17.07 -1.25 -11.60
N TYR A 374 16.52 -1.80 -10.52
CA TYR A 374 17.37 -2.48 -9.54
C TYR A 374 18.12 -3.67 -10.11
N PRO A 375 17.52 -4.57 -10.91
CA PRO A 375 18.32 -5.62 -11.54
C PRO A 375 19.43 -5.10 -12.43
N LYS A 376 19.23 -3.95 -13.09
CA LYS A 376 20.29 -3.35 -13.88
C LYS A 376 21.44 -2.91 -12.99
N ALA A 377 21.14 -2.26 -11.87
CA ALA A 377 22.20 -1.82 -10.96
C ALA A 377 22.91 -2.98 -10.29
N VAL A 378 22.20 -4.11 -10.14
CA VAL A 378 22.82 -5.28 -9.52
C VAL A 378 23.99 -5.78 -10.37
N THR A 379 23.81 -5.82 -11.69
CA THR A 379 24.88 -6.29 -12.57
C THR A 379 26.11 -5.40 -12.52
N MET A 380 25.95 -4.14 -12.13
CA MET A 380 27.10 -3.24 -12.03
C MET A 380 27.98 -3.59 -10.83
N MET A 381 27.38 -4.00 -9.73
CA MET A 381 28.15 -4.35 -8.54
C MET A 381 28.94 -5.65 -8.78
N PRO A 382 30.11 -5.78 -8.17
CA PRO A 382 30.89 -7.01 -8.33
C PRO A 382 30.14 -8.22 -7.78
N LEU A 383 30.33 -9.36 -8.42
CA LEU A 383 29.62 -10.60 -8.11
C LEU A 383 28.12 -10.33 -8.12
N PRO A 384 27.52 -10.11 -9.30
CA PRO A 384 26.11 -9.71 -9.34
C PRO A 384 25.14 -10.74 -8.79
N THR A 385 25.50 -12.03 -8.83
CA THR A 385 24.58 -13.06 -8.34
C THR A 385 24.27 -12.88 -6.86
N PHE A 386 25.31 -12.66 -6.05
CA PHE A 386 25.11 -12.54 -4.60
C PHE A 386 24.25 -11.32 -4.27
N TRP A 387 24.50 -10.19 -4.91
CA TRP A 387 23.73 -8.99 -4.63
C TRP A 387 22.31 -9.08 -5.17
N SER A 388 22.10 -9.75 -6.30
CA SER A 388 20.74 -10.00 -6.77
C SER A 388 19.97 -10.85 -5.78
N ILE A 389 20.61 -11.91 -5.28
CA ILE A 389 19.95 -12.76 -4.29
C ILE A 389 19.60 -11.96 -3.05
N LEU A 390 20.54 -11.14 -2.56
CA LEU A 390 20.28 -10.34 -1.36
C LEU A 390 19.15 -9.35 -1.59
N PHE A 391 19.15 -8.67 -2.74
CA PHE A 391 18.12 -7.67 -3.00
C PHE A 391 16.74 -8.30 -3.09
N PHE A 392 16.63 -9.42 -3.81
CA PHE A 392 15.32 -10.06 -3.93
C PHE A 392 14.89 -10.70 -2.63
N ILE A 393 15.82 -11.18 -1.80
CA ILE A 393 15.46 -11.65 -0.46
C ILE A 393 14.91 -10.49 0.38
N MET A 394 15.54 -9.32 0.29
CA MET A 394 15.05 -8.16 1.02
C MET A 394 13.65 -7.77 0.57
N LEU A 395 13.44 -7.72 -0.75
CA LEU A 395 12.12 -7.35 -1.27
C LEU A 395 11.07 -8.37 -0.85
N LEU A 396 11.42 -9.66 -0.92
CA LEU A 396 10.48 -10.71 -0.51
C LEU A 396 10.16 -10.61 0.97
N LEU A 397 11.15 -10.31 1.81
CA LEU A 397 10.90 -10.16 3.24
C LEU A 397 9.98 -8.98 3.53
N LEU A 398 10.22 -7.84 2.88
CA LEU A 398 9.36 -6.68 3.09
C LEU A 398 7.92 -6.98 2.66
N GLY A 399 7.75 -7.56 1.46
CA GLY A 399 6.42 -7.89 1.00
C GLY A 399 5.74 -8.93 1.86
N LEU A 400 6.48 -9.93 2.34
CA LEU A 400 5.89 -10.95 3.20
C LEU A 400 5.45 -10.36 4.53
N ASP A 401 6.25 -9.46 5.12
CA ASP A 401 5.83 -8.82 6.36
C ASP A 401 4.56 -8.00 6.16
N SER A 402 4.51 -7.20 5.08
CA SER A 402 3.32 -6.41 4.83
C SER A 402 2.10 -7.31 4.59
N GLN A 403 2.27 -8.39 3.83
CA GLN A 403 1.17 -9.30 3.56
C GLN A 403 0.70 -9.99 4.84
N PHE A 404 1.64 -10.41 5.70
CA PHE A 404 1.26 -11.00 6.97
C PHE A 404 0.41 -10.03 7.79
N VAL A 405 0.87 -8.79 7.91
CA VAL A 405 0.14 -7.81 8.71
C VAL A 405 -1.26 -7.60 8.14
N GLU A 406 -1.36 -7.40 6.83
CA GLU A 406 -2.65 -7.09 6.23
C GLU A 406 -3.61 -8.27 6.31
N VAL A 407 -3.13 -9.47 5.99
CA VAL A 407 -4.00 -10.66 6.02
C VAL A 407 -4.45 -10.95 7.45
N GLU A 408 -3.53 -10.85 8.42
CA GLU A 408 -3.91 -11.10 9.80
C GLU A 408 -4.92 -10.08 10.29
N GLY A 409 -4.74 -8.81 9.93
CA GLY A 409 -5.73 -7.80 10.29
C GLY A 409 -7.08 -8.06 9.67
N GLN A 410 -7.11 -8.44 8.40
CA GLN A 410 -8.37 -8.74 7.73
C GLN A 410 -9.08 -9.91 8.39
N ILE A 411 -8.34 -10.97 8.70
CA ILE A 411 -8.95 -12.15 9.32
C ILE A 411 -9.42 -11.83 10.73
N THR A 412 -8.67 -11.02 11.46
CA THR A 412 -9.10 -10.60 12.79
C THR A 412 -10.38 -9.79 12.72
N SER A 413 -10.48 -8.86 11.76
CA SER A 413 -11.71 -8.10 11.60
C SER A 413 -12.88 -9.00 11.25
N LEU A 414 -12.66 -9.95 10.34
CA LEU A 414 -13.74 -10.85 9.94
C LEU A 414 -14.22 -11.70 11.11
N VAL A 415 -13.30 -12.26 11.91
CA VAL A 415 -13.71 -13.10 13.02
C VAL A 415 -14.36 -12.25 14.13
N ASP A 416 -13.92 -11.00 14.28
CA ASP A 416 -14.54 -10.13 15.27
C ASP A 416 -15.91 -9.66 14.83
N LEU A 417 -16.18 -9.64 13.53
CA LEU A 417 -17.49 -9.20 13.05
C LEU A 417 -18.60 -10.12 13.55
N TYR A 418 -18.45 -11.42 13.33
CA TYR A 418 -19.40 -12.42 13.83
C TYR A 418 -18.63 -13.59 14.45
N PRO A 419 -18.21 -13.44 15.71
CA PRO A 419 -17.46 -14.52 16.36
C PRO A 419 -18.26 -15.80 16.52
N SER A 420 -19.59 -15.75 16.49
CA SER A 420 -20.40 -16.95 16.62
C SER A 420 -20.23 -17.83 15.40
N PHE A 421 -20.04 -19.12 15.62
CA PHE A 421 -19.88 -20.15 14.60
C PHE A 421 -18.67 -19.93 13.70
N LEU A 422 -17.77 -19.02 14.09
CA LEU A 422 -16.57 -18.75 13.31
C LEU A 422 -15.28 -18.88 14.11
N ARG A 423 -15.30 -18.46 15.38
CA ARG A 423 -14.11 -18.53 16.24
C ARG A 423 -14.34 -19.63 17.27
N LYS A 424 -13.99 -20.86 16.89
CA LYS A 424 -14.09 -22.01 17.79
C LYS A 424 -12.87 -22.91 17.67
N GLY A 425 -11.72 -22.34 17.33
CA GLY A 425 -10.52 -23.13 17.15
C GLY A 425 -10.29 -23.54 15.72
N TYR A 426 -10.68 -24.78 15.38
CA TYR A 426 -10.50 -25.27 14.02
C TYR A 426 -11.29 -24.45 13.01
N ARG A 427 -12.39 -23.83 13.44
CA ARG A 427 -13.18 -23.01 12.53
C ARG A 427 -12.38 -21.83 12.02
N ARG A 428 -11.59 -21.20 12.90
CA ARG A 428 -10.74 -20.10 12.47
C ARG A 428 -9.71 -20.57 11.45
N GLU A 429 -9.11 -21.75 11.66
CA GLU A 429 -8.16 -22.28 10.70
C GLU A 429 -8.82 -22.55 9.35
N ILE A 430 -10.03 -23.11 9.36
CA ILE A 430 -10.74 -23.37 8.12
C ILE A 430 -11.06 -22.06 7.41
N PHE A 431 -11.46 -21.04 8.16
CA PHE A 431 -11.73 -19.74 7.55
C PHE A 431 -10.47 -19.12 6.95
N ILE A 432 -9.33 -19.25 7.64
CA ILE A 432 -8.08 -18.73 7.10
C ILE A 432 -7.71 -19.46 5.81
N ALA A 433 -7.85 -20.79 5.80
CA ALA A 433 -7.55 -21.54 4.59
C ALA A 433 -8.47 -21.15 3.44
N PHE A 434 -9.76 -20.97 3.74
CA PHE A 434 -10.70 -20.56 2.70
C PHE A 434 -10.36 -19.18 2.15
N VAL A 435 -10.01 -18.24 3.03
CA VAL A 435 -9.65 -16.90 2.58
C VAL A 435 -8.40 -16.94 1.71
N CYS A 436 -7.39 -17.70 2.12
CA CYS A 436 -6.17 -17.80 1.32
C CYS A 436 -6.44 -18.44 -0.03
N SER A 437 -7.25 -19.50 -0.06
CA SER A 437 -7.57 -20.16 -1.33
C SER A 437 -8.34 -19.23 -2.26
N ILE A 438 -9.33 -18.50 -1.73
CA ILE A 438 -10.09 -17.57 -2.54
C ILE A 438 -9.21 -16.47 -3.09
N SER A 439 -8.33 -15.92 -2.25
CA SER A 439 -7.40 -14.88 -2.70
C SER A 439 -6.45 -15.40 -3.77
N TYR A 440 -5.93 -16.62 -3.62
CA TYR A 440 -5.06 -17.18 -4.65
C TYR A 440 -5.81 -17.40 -5.96
N LEU A 441 -7.03 -17.92 -5.89
CA LEU A 441 -7.80 -18.13 -7.11
C LEU A 441 -8.11 -16.81 -7.81
N LEU A 442 -8.43 -15.78 -7.03
CA LEU A 442 -8.67 -14.46 -7.61
C LEU A 442 -7.40 -13.84 -8.18
N GLY A 443 -6.25 -14.05 -7.54
CA GLY A 443 -5.01 -13.52 -8.05
C GLY A 443 -4.40 -14.29 -9.19
N LEU A 444 -4.89 -15.50 -9.45
CA LEU A 444 -4.47 -16.24 -10.64
C LEU A 444 -4.80 -15.53 -11.94
N THR A 445 -5.74 -14.57 -11.92
CA THR A 445 -6.08 -13.85 -13.13
C THR A 445 -4.96 -12.92 -13.59
N MET A 446 -4.08 -12.50 -12.69
CA MET A 446 -2.93 -11.67 -13.03
C MET A 446 -1.69 -12.49 -13.32
N VAL A 447 -1.79 -13.82 -13.27
CA VAL A 447 -0.66 -14.69 -13.54
C VAL A 447 -0.59 -15.08 -15.02
N THR A 448 -1.69 -14.98 -15.75
CA THR A 448 -1.70 -15.32 -17.17
C THR A 448 -0.81 -14.38 -17.98
N GLU A 449 -0.66 -14.65 -19.28
CA GLU A 449 0.18 -13.82 -20.12
C GLU A 449 -0.35 -12.39 -20.19
N GLY A 450 -1.67 -12.24 -20.30
CA GLY A 450 -2.25 -10.92 -20.37
C GLY A 450 -2.79 -10.44 -19.04
N GLY A 451 -2.21 -10.94 -17.94
CA GLY A 451 -2.66 -10.56 -16.62
C GLY A 451 -2.04 -9.30 -16.06
N MET A 452 -0.89 -8.89 -16.59
CA MET A 452 -0.24 -7.67 -16.10
C MET A 452 -1.17 -6.47 -16.18
N TYR A 453 -1.87 -6.32 -17.32
CA TYR A 453 -2.85 -5.25 -17.43
C TYR A 453 -3.87 -5.32 -16.31
N VAL A 454 -4.37 -6.53 -16.02
CA VAL A 454 -5.32 -6.69 -14.91
C VAL A 454 -4.71 -6.17 -13.62
N PHE A 455 -3.45 -6.53 -13.35
CA PHE A 455 -2.78 -6.02 -12.16
C PHE A 455 -2.83 -4.51 -12.11
N GLN A 456 -2.57 -3.85 -13.24
CA GLN A 456 -2.62 -2.40 -13.28
C GLN A 456 -3.96 -1.87 -12.82
N LEU A 457 -5.05 -2.51 -13.28
CA LEU A 457 -6.38 -2.12 -12.79
C LEU A 457 -6.45 -2.25 -11.29
N PHE A 458 -6.03 -3.40 -10.75
CA PHE A 458 -6.04 -3.59 -9.30
C PHE A 458 -5.08 -2.61 -8.63
N ASP A 459 -4.06 -2.15 -9.36
CA ASP A 459 -3.16 -1.16 -8.80
C ASP A 459 -3.81 0.23 -8.82
N TYR A 460 -4.66 0.49 -9.81
CA TYR A 460 -5.19 1.84 -9.99
C TYR A 460 -6.49 2.06 -9.22
N TYR A 461 -7.42 1.10 -9.30
CA TYR A 461 -8.74 1.26 -8.71
C TYR A 461 -8.91 0.53 -7.39
N ALA A 462 -8.43 -0.72 -7.31
CA ALA A 462 -8.55 -1.49 -6.08
C ALA A 462 -7.53 -1.02 -5.06
N ALA A 463 -8.01 -0.72 -3.85
CA ALA A 463 -7.16 -0.28 -2.74
C ALA A 463 -6.35 0.97 -3.08
N SER A 464 -6.84 1.76 -4.04
CA SER A 464 -6.16 2.97 -4.48
C SER A 464 -7.16 3.83 -5.23
N GLY A 465 -6.74 5.05 -5.53
CA GLY A 465 -7.60 5.97 -6.27
C GLY A 465 -8.69 6.59 -5.42
N VAL A 466 -9.76 7.04 -6.08
CA VAL A 466 -10.80 7.82 -5.42
C VAL A 466 -11.40 7.06 -4.25
N CYS A 467 -11.39 5.72 -4.30
CA CYS A 467 -11.94 4.94 -3.20
C CYS A 467 -11.26 5.29 -1.89
N LEU A 468 -9.93 5.39 -1.89
CA LEU A 468 -9.24 5.83 -0.70
C LEU A 468 -9.68 7.25 -0.31
N LEU A 469 -9.77 8.14 -1.31
CA LEU A 469 -10.28 9.48 -1.05
C LEU A 469 -11.71 9.42 -0.52
N TRP A 470 -12.46 8.39 -0.90
CA TRP A 470 -13.80 8.21 -0.35
C TRP A 470 -13.75 7.90 1.14
N VAL A 471 -12.78 7.08 1.55
CA VAL A 471 -12.73 6.68 2.96
C VAL A 471 -12.10 7.76 3.81
N ALA A 472 -10.93 8.27 3.38
CA ALA A 472 -10.21 9.25 4.19
C ALA A 472 -11.07 10.47 4.49
N PHE A 473 -11.89 10.88 3.54
CA PHE A 473 -12.84 11.96 3.81
C PHE A 473 -13.83 11.58 4.89
N PHE A 474 -14.49 10.42 4.73
CA PHE A 474 -15.54 10.04 5.65
C PHE A 474 -15.00 9.69 7.03
N GLU A 475 -13.76 9.22 7.11
CA GLU A 475 -13.13 9.03 8.41
C GLU A 475 -12.94 10.36 9.12
N CYS A 476 -12.63 11.42 8.37
CA CYS A 476 -12.40 12.72 8.99
C CYS A 476 -13.71 13.44 9.29
N PHE A 477 -14.62 13.49 8.31
CA PHE A 477 -15.87 14.24 8.48
C PHE A 477 -16.66 13.74 9.68
N VAL A 478 -16.72 12.42 9.87
CA VAL A 478 -17.38 11.88 11.04
C VAL A 478 -16.67 12.32 12.32
N ILE A 479 -15.34 12.25 12.32
CA ILE A 479 -14.58 12.60 13.51
C ILE A 479 -14.62 14.10 13.76
N ALA A 480 -14.41 14.89 12.70
CA ALA A 480 -14.23 16.32 12.89
C ALA A 480 -15.56 17.02 13.18
N TRP A 481 -16.62 16.67 12.47
CA TRP A 481 -17.87 17.41 12.53
C TRP A 481 -18.98 16.68 13.27
N ILE A 482 -19.09 15.36 13.13
CA ILE A 482 -20.16 14.62 13.78
C ILE A 482 -19.77 14.29 15.21
N TYR A 483 -18.69 13.53 15.38
CA TYR A 483 -18.25 13.17 16.73
C TYR A 483 -17.77 14.39 17.50
N GLY A 484 -17.04 15.28 16.84
CA GLY A 484 -16.52 16.46 17.50
C GLY A 484 -15.02 16.44 17.67
N GLY A 485 -14.33 17.42 17.08
CA GLY A 485 -12.88 17.48 17.21
C GLY A 485 -12.44 17.73 18.64
N ASP A 486 -13.16 18.58 19.37
CA ASP A 486 -12.78 18.91 20.74
C ASP A 486 -12.95 17.72 21.68
N ASN A 487 -14.00 16.92 21.48
CA ASN A 487 -14.18 15.74 22.31
C ASN A 487 -13.04 14.74 22.10
N LEU A 488 -12.65 14.52 20.85
CA LEU A 488 -11.52 13.62 20.59
C LEU A 488 -10.22 14.22 21.11
N TYR A 489 -10.07 15.54 21.07
CA TYR A 489 -8.88 16.15 21.65
C TYR A 489 -8.84 15.95 23.16
N ASP A 490 -9.99 16.05 23.83
CA ASP A 490 -10.05 15.75 25.26
C ASP A 490 -9.69 14.30 25.53
N GLY A 491 -10.19 13.39 24.69
CA GLY A 491 -9.82 11.99 24.86
C GLY A 491 -8.34 11.74 24.67
N ILE A 492 -7.73 12.40 23.67
CA ILE A 492 -6.30 12.25 23.44
C ILE A 492 -5.51 12.84 24.59
N GLU A 493 -5.95 13.98 25.14
CA GLU A 493 -5.30 14.56 26.30
C GLU A 493 -5.39 13.63 27.50
N ASP A 494 -6.53 12.95 27.67
CA ASP A 494 -6.66 11.98 28.76
C ASP A 494 -5.77 10.76 28.54
N MET A 495 -5.56 10.37 27.28
CA MET A 495 -4.76 9.17 27.02
C MET A 495 -3.26 9.46 27.09
N ILE A 496 -2.77 10.34 26.21
CA ILE A 496 -1.33 10.58 26.13
C ILE A 496 -0.83 11.47 27.27
N GLY A 497 -1.71 12.23 27.90
CA GLY A 497 -1.38 13.02 29.07
C GLY A 497 -1.20 14.50 28.82
N TYR A 498 -1.06 14.93 27.56
CA TYR A 498 -0.89 16.35 27.27
C TYR A 498 -1.78 16.74 26.09
N ARG A 499 -2.16 18.01 26.07
CA ARG A 499 -3.05 18.53 25.03
C ARG A 499 -2.29 18.71 23.72
N PRO A 500 -2.71 18.08 22.63
CA PRO A 500 -2.01 18.26 21.35
C PRO A 500 -2.26 19.65 20.78
N GLY A 501 -1.52 19.95 19.72
CA GLY A 501 -1.67 21.20 19.03
C GLY A 501 -2.84 21.19 18.08
N PRO A 502 -3.14 22.36 17.50
CA PRO A 502 -4.27 22.47 16.58
C PRO A 502 -4.04 21.85 15.21
N TRP A 503 -2.84 21.28 14.97
CA TRP A 503 -2.55 20.70 13.66
C TRP A 503 -3.51 19.57 13.32
N MET A 504 -3.68 18.62 14.23
CA MET A 504 -4.55 17.48 13.97
C MET A 504 -6.00 17.92 13.81
N LYS A 505 -6.47 18.83 14.68
CA LYS A 505 -7.85 19.29 14.61
C LYS A 505 -8.12 20.01 13.29
N TYR A 506 -7.22 20.88 12.86
CA TYR A 506 -7.42 21.61 11.61
C TYR A 506 -7.20 20.73 10.39
N SER A 507 -6.43 19.65 10.51
CA SER A 507 -6.30 18.71 9.40
C SER A 507 -7.55 17.86 9.25
N TRP A 508 -8.12 17.41 10.37
CA TRP A 508 -9.35 16.64 10.30
C TRP A 508 -10.53 17.50 9.85
N ALA A 509 -10.60 18.73 10.36
CA ALA A 509 -11.77 19.56 10.10
C ALA A 509 -11.79 20.10 8.68
N VAL A 510 -10.66 20.57 8.17
CA VAL A 510 -10.65 21.31 6.93
C VAL A 510 -9.72 20.69 5.89
N ILE A 511 -8.45 20.54 6.23
CA ILE A 511 -7.43 20.30 5.21
C ILE A 511 -7.67 18.96 4.50
N THR A 512 -7.84 17.88 5.26
CA THR A 512 -8.03 16.58 4.62
C THR A 512 -9.33 16.49 3.82
N PRO A 513 -10.50 16.88 4.37
CA PRO A 513 -11.71 16.85 3.53
C PRO A 513 -11.61 17.73 2.29
N VAL A 514 -11.01 18.92 2.43
CA VAL A 514 -10.88 19.81 1.28
C VAL A 514 -10.00 19.19 0.21
N LEU A 515 -8.86 18.62 0.62
CA LEU A 515 -7.97 17.99 -0.35
C LEU A 515 -8.67 16.81 -1.04
N CYS A 516 -9.36 15.98 -0.26
CA CYS A 516 -10.02 14.81 -0.85
C CYS A 516 -11.10 15.23 -1.84
N VAL A 517 -11.98 16.15 -1.44
CA VAL A 517 -13.07 16.54 -2.33
C VAL A 517 -12.53 17.29 -3.55
N GLY A 518 -11.50 18.12 -3.39
CA GLY A 518 -10.94 18.81 -4.54
C GLY A 518 -10.31 17.86 -5.53
N CYS A 519 -9.52 16.89 -5.04
CA CYS A 519 -8.93 15.91 -5.93
C CYS A 519 -10.00 15.08 -6.63
N PHE A 520 -11.04 14.66 -5.90
CA PHE A 520 -12.10 13.88 -6.53
C PHE A 520 -12.82 14.67 -7.61
N ILE A 521 -13.18 15.92 -7.31
CA ILE A 521 -13.93 16.73 -8.26
C ILE A 521 -13.07 17.03 -9.50
N PHE A 522 -11.80 17.39 -9.28
CA PHE A 522 -10.95 17.72 -10.43
C PHE A 522 -10.60 16.49 -11.25
N SER A 523 -10.52 15.31 -10.62
CA SER A 523 -10.32 14.08 -11.38
C SER A 523 -11.54 13.74 -12.22
N LEU A 524 -12.74 13.97 -11.67
CA LEU A 524 -13.95 13.71 -12.44
C LEU A 524 -14.11 14.70 -13.59
N VAL A 525 -13.86 15.99 -13.33
CA VAL A 525 -14.06 17.01 -14.36
C VAL A 525 -13.08 16.82 -15.50
N LYS A 526 -11.80 16.68 -15.17
CA LYS A 526 -10.74 16.44 -16.15
C LYS A 526 -10.36 14.96 -16.06
N TYR A 527 -11.11 14.13 -16.78
CA TYR A 527 -10.94 12.69 -16.72
C TYR A 527 -10.06 12.20 -17.86
N VAL A 528 -9.04 11.42 -17.52
CA VAL A 528 -8.15 10.80 -18.49
C VAL A 528 -8.19 9.31 -18.27
N PRO A 529 -8.55 8.50 -19.27
CA PRO A 529 -8.63 7.05 -19.06
C PRO A 529 -7.28 6.45 -18.70
N LEU A 530 -7.32 5.38 -17.91
CA LEU A 530 -6.10 4.71 -17.50
C LEU A 530 -5.40 4.09 -18.70
N THR A 531 -4.08 4.26 -18.76
CA THR A 531 -3.26 3.70 -19.82
C THR A 531 -2.09 2.95 -19.20
N TYR A 532 -1.70 1.85 -19.84
CA TYR A 532 -0.58 1.03 -19.37
C TYR A 532 0.67 1.38 -20.18
N ASN A 533 1.71 1.82 -19.47
CA ASN A 533 3.00 2.18 -20.09
C ASN A 533 2.82 3.27 -21.13
N LYS A 534 1.84 4.15 -20.90
CA LYS A 534 1.60 5.34 -21.71
C LYS A 534 1.20 5.03 -23.15
N THR A 535 1.08 3.76 -23.48
CA THR A 535 0.76 3.35 -24.84
C THR A 535 -0.55 2.56 -24.94
N TYR A 536 -0.72 1.55 -24.10
CA TYR A 536 -1.91 0.71 -24.20
C TYR A 536 -3.14 1.47 -23.71
N VAL A 537 -4.25 1.28 -24.41
CA VAL A 537 -5.53 1.90 -24.08
C VAL A 537 -6.50 0.81 -23.68
N TYR A 538 -6.99 0.87 -22.45
CA TYR A 538 -7.93 -0.14 -21.97
C TYR A 538 -9.27 0.01 -22.66
N PRO A 539 -9.96 -1.11 -22.92
CA PRO A 539 -11.30 -1.04 -23.50
C PRO A 539 -12.33 -0.47 -22.53
N ASN A 540 -13.55 -0.27 -23.01
CA ASN A 540 -14.60 0.26 -22.13
C ASN A 540 -14.91 -0.71 -20.99
N TRP A 541 -14.95 -2.01 -21.29
CA TRP A 541 -15.32 -2.98 -20.27
C TRP A 541 -14.25 -3.09 -19.18
N ALA A 542 -12.97 -2.94 -19.53
CA ALA A 542 -11.93 -2.96 -18.52
C ALA A 542 -12.05 -1.78 -17.56
N ILE A 543 -12.32 -0.59 -18.11
CA ILE A 543 -12.53 0.59 -17.26
C ILE A 543 -13.77 0.41 -16.40
N GLY A 544 -14.82 -0.19 -16.96
CA GLY A 544 -16.01 -0.47 -16.17
C GLY A 544 -15.73 -1.44 -15.05
N LEU A 545 -14.91 -2.46 -15.31
CA LEU A 545 -14.53 -3.40 -14.25
C LEU A 545 -13.71 -2.71 -13.16
N GLY A 546 -12.80 -1.82 -13.55
CA GLY A 546 -12.05 -1.08 -12.55
C GLY A 546 -12.94 -0.19 -11.70
N TRP A 547 -13.89 0.50 -12.35
CA TRP A 547 -14.82 1.33 -11.60
C TRP A 547 -15.71 0.49 -10.69
N SER A 548 -16.09 -0.71 -11.14
CA SER A 548 -16.86 -1.62 -10.27
C SER A 548 -16.03 -2.06 -9.08
N LEU A 549 -14.74 -2.32 -9.28
CA LEU A 549 -13.87 -2.66 -8.16
C LEU A 549 -13.78 -1.51 -7.16
N ALA A 550 -13.67 -0.28 -7.66
CA ALA A 550 -13.64 0.87 -6.76
C ALA A 550 -14.98 1.04 -6.03
N LEU A 551 -16.09 0.89 -6.75
CA LEU A 551 -17.41 1.05 -6.15
C LEU A 551 -17.75 -0.05 -5.17
N SER A 552 -17.19 -1.25 -5.31
CA SER A 552 -17.46 -2.32 -4.36
C SER A 552 -17.08 -1.89 -2.94
N SER A 553 -16.09 -1.02 -2.81
CA SER A 553 -15.73 -0.46 -1.51
C SER A 553 -16.37 0.90 -1.28
N MET A 554 -16.51 1.72 -2.32
CA MET A 554 -17.09 3.05 -2.15
C MET A 554 -18.57 3.01 -1.76
N LEU A 555 -19.28 1.95 -2.10
CA LEU A 555 -20.72 1.87 -1.89
C LEU A 555 -21.09 1.27 -0.55
N CYS A 556 -20.11 0.82 0.23
CA CYS A 556 -20.42 0.27 1.55
C CYS A 556 -20.95 1.35 2.49
N VAL A 557 -20.40 2.56 2.40
CA VAL A 557 -20.83 3.64 3.30
C VAL A 557 -22.29 4.01 3.10
N PRO A 558 -22.79 4.29 1.89
CA PRO A 558 -24.19 4.69 1.76
C PRO A 558 -25.19 3.56 1.92
N LEU A 559 -24.82 2.30 1.67
CA LEU A 559 -25.75 1.20 1.83
C LEU A 559 -25.97 0.87 3.31
N VAL A 560 -24.90 0.90 4.11
CA VAL A 560 -25.04 0.66 5.54
C VAL A 560 -25.86 1.76 6.20
N ILE A 561 -25.77 2.99 5.69
CA ILE A 561 -26.60 4.07 6.22
C ILE A 561 -28.08 3.74 6.00
N VAL A 562 -28.43 3.28 4.80
CA VAL A 562 -29.81 2.93 4.50
C VAL A 562 -30.27 1.75 5.36
N ILE A 563 -29.40 0.75 5.53
CA ILE A 563 -29.75 -0.40 6.35
C ILE A 563 -30.01 0.03 7.79
N ARG A 564 -29.15 0.88 8.34
CA ARG A 564 -29.33 1.35 9.71
C ARG A 564 -30.61 2.17 9.85
N LEU A 565 -30.89 3.03 8.86
CA LEU A 565 -32.11 3.82 8.91
C LEU A 565 -33.35 2.94 8.83
N CYS A 566 -33.30 1.86 8.05
CA CYS A 566 -34.44 0.96 7.96
C CYS A 566 -34.61 0.12 9.22
N GLN A 567 -33.52 -0.29 9.86
CA GLN A 567 -33.61 -1.07 11.09
C GLN A 567 -34.26 -0.28 12.22
N THR A 568 -33.87 0.99 12.37
CA THR A 568 -34.43 1.83 13.42
C THR A 568 -35.89 2.14 13.12
N GLU A 569 -36.69 2.25 14.17
CA GLU A 569 -38.12 2.52 14.06
C GLU A 569 -38.42 3.90 14.63
N GLY A 570 -39.33 4.62 13.96
CA GLY A 570 -39.73 5.94 14.39
C GLY A 570 -39.58 6.97 13.30
N PRO A 571 -39.76 8.25 13.64
CA PRO A 571 -39.57 9.31 12.65
C PRO A 571 -38.11 9.44 12.24
N PHE A 572 -37.92 10.00 11.05
CA PHE A 572 -36.59 10.05 10.45
C PHE A 572 -35.60 10.85 11.29
N LEU A 573 -36.04 11.99 11.84
CA LEU A 573 -35.15 12.79 12.67
C LEU A 573 -34.70 12.02 13.90
N VAL A 574 -35.62 11.30 14.54
CA VAL A 574 -35.26 10.50 15.71
C VAL A 574 -34.31 9.38 15.32
N ARG A 575 -34.54 8.75 14.17
CA ARG A 575 -33.62 7.71 13.70
C ARG A 575 -32.22 8.26 13.52
N VAL A 576 -32.10 9.41 12.86
CA VAL A 576 -30.78 10.00 12.61
C VAL A 576 -30.12 10.39 13.92
N LYS A 577 -30.87 11.00 14.84
CA LYS A 577 -30.31 11.40 16.12
C LYS A 577 -29.81 10.19 16.90
N TYR A 578 -30.60 9.11 16.91
CA TYR A 578 -30.18 7.90 17.62
C TYR A 578 -28.96 7.27 16.99
N LEU A 579 -28.90 7.25 15.66
CA LEU A 579 -27.77 6.63 14.97
C LEU A 579 -26.52 7.50 14.98
N LEU A 580 -26.63 8.79 15.31
CA LEU A 580 -25.47 9.67 15.39
C LEU A 580 -24.92 9.79 16.80
N THR A 581 -25.47 9.05 17.76
CA THR A 581 -25.03 9.14 19.15
C THR A 581 -23.99 8.06 19.43
N PRO A 582 -22.77 8.43 19.81
CA PRO A 582 -21.77 7.41 20.16
C PRO A 582 -22.23 6.57 21.35
N ARG A 583 -21.91 5.27 21.30
CA ARG A 583 -22.29 4.34 22.36
C ARG A 583 -21.07 4.04 23.22
N GLU A 584 -20.79 4.96 24.16
CA GLU A 584 -19.73 4.81 25.15
C GLU A 584 -18.41 4.41 24.50
N PRO A 585 -17.75 5.34 23.79
CA PRO A 585 -16.53 4.96 23.05
C PRO A 585 -15.42 4.37 23.90
N ASN A 586 -15.24 4.86 25.13
CA ASN A 586 -14.14 4.43 25.97
C ASN A 586 -14.58 3.48 27.09
N ARG A 587 -15.80 2.94 27.01
CA ARG A 587 -16.30 2.10 28.10
C ARG A 587 -15.43 0.86 28.32
N TRP A 588 -14.78 0.37 27.27
CA TRP A 588 -13.92 -0.80 27.43
C TRP A 588 -12.75 -0.50 28.37
N ALA A 589 -12.15 0.69 28.25
CA ALA A 589 -11.00 1.07 29.05
C ALA A 589 -11.37 2.02 30.19
N VAL A 590 -12.65 2.21 30.49
CA VAL A 590 -13.04 3.06 31.60
C VAL A 590 -12.54 2.49 32.91
N GLU A 591 -12.72 1.18 33.11
CA GLU A 591 -12.29 0.52 34.33
C GLU A 591 -10.91 -0.13 34.23
N ARG A 592 -10.45 -0.40 33.01
CA ARG A 592 -9.13 -1.03 32.85
C ARG A 592 -8.01 -0.12 33.32
N GLU A 593 -8.09 1.17 32.97
CA GLU A 593 -7.07 2.14 33.34
C GLU A 593 -7.61 3.30 34.15
N GLY A 594 -8.83 3.19 34.68
CA GLY A 594 -9.42 4.30 35.39
C GLY A 594 -9.65 5.53 34.52
N ALA A 595 -10.08 5.32 33.28
CA ALA A 595 -10.24 6.42 32.34
C ALA A 595 -11.47 7.25 32.67
N THR A 596 -11.42 8.51 32.25
CA THR A 596 -12.57 9.39 32.41
C THR A 596 -13.65 9.01 31.41
N PRO A 597 -14.90 8.82 31.84
CA PRO A 597 -15.96 8.45 30.90
C PRO A 597 -16.24 9.56 29.90
N TYR A 598 -16.68 9.15 28.71
CA TYR A 598 -17.01 10.08 27.64
C TYR A 598 -18.21 10.94 28.01
N ABU B . -0.14 -3.19 2.72
CD ABU B . -0.27 -1.76 2.45
CB ABU B . 1.00 -1.10 1.94
CG ABU B . 2.14 -1.17 2.93
C ABU B . 3.44 -0.58 2.43
O ABU B . 3.98 -1.10 1.43
OXT ABU B . 3.92 0.40 3.03
CL CL C . 5.69 6.72 0.27
NA NA D . 7.68 -4.71 5.63
#